data_2ORW
#
_entry.id   2ORW
#
_cell.length_a   102.550
_cell.length_b   59.630
_cell.length_c   61.440
_cell.angle_alpha   90.00
_cell.angle_beta   103.11
_cell.angle_gamma   90.00
#
_symmetry.space_group_name_H-M   'C 1 2 1'
#
loop_
_entity.id
_entity.type
_entity.pdbx_description
1 polymer 'Thymidine kinase'
2 non-polymer 'ZINC ION'
3 non-polymer 'MAGNESIUM ION'
4 non-polymer "P1-(5'-ADENOSYL)P4-(5'-(2'-DEOXY-THYMIDYL))TETRAPHOSPHATE"
5 water water
#
_entity_poly.entity_id   1
_entity_poly.type   'polypeptide(L)'
_entity_poly.pdbx_seq_one_letter_code
;MSGKLTVITGPMYSGKTTELLSFVEIYKLGKKKVAVFKPKIDSRYHSTMIVSHSGNGVEAHVIERPEEMRKYIEEDTRGV
FIDEVQFFNPSLFEVVKDLLDRGIDVFCAGLDLTHKQNPFETTALLLSLADTVIKKKAVCHRCGEYNATLTLKVAGGEEE
IDVGGQEKYIAVCRDCYNTLKKRV
;
_entity_poly.pdbx_strand_id   A,B
#
loop_
_chem_comp.id
_chem_comp.type
_chem_comp.name
_chem_comp.formula
4TA RNA linking P1-(5'-ADENOSYL)P4-(5'-(2'-DEOXY-THYMIDYL))TETRAPHOSPHATE 'C20 H25 N7 O20 P4 -4'
MG non-polymer 'MAGNESIUM ION' 'Mg 2'
ZN non-polymer 'ZINC ION' 'Zn 2'
#
# COMPACT_ATOMS: atom_id res chain seq x y z
N SER A 2 -10.90 16.01 7.93
CA SER A 2 -11.32 14.69 7.39
C SER A 2 -10.81 13.61 8.32
N GLY A 3 -11.37 12.43 8.17
CA GLY A 3 -10.79 11.26 8.82
C GLY A 3 -9.54 10.82 8.04
N LYS A 4 -8.67 10.09 8.73
CA LYS A 4 -7.47 9.49 8.13
C LYS A 4 -7.62 7.98 8.12
N LEU A 5 -7.09 7.34 7.06
CA LEU A 5 -7.08 5.88 6.94
C LEU A 5 -5.68 5.33 7.22
N THR A 6 -5.57 4.40 8.17
CA THR A 6 -4.36 3.70 8.51
C THR A 6 -4.58 2.25 8.17
N VAL A 7 -3.69 1.68 7.36
CA VAL A 7 -3.82 0.29 6.99
C VAL A 7 -2.60 -0.47 7.57
N ILE A 8 -2.89 -1.56 8.26
CA ILE A 8 -1.91 -2.38 8.95
C ILE A 8 -1.87 -3.68 8.19
N THR A 9 -0.70 -4.02 7.63
CA THR A 9 -0.64 -5.21 6.77
C THR A 9 0.66 -5.96 6.96
N GLY A 10 0.75 -7.15 6.42
CA GLY A 10 1.90 -8.01 6.62
C GLY A 10 1.41 -9.44 6.57
N PRO A 11 2.32 -10.38 6.83
CA PRO A 11 1.98 -11.81 6.74
C PRO A 11 1.26 -12.24 8.01
N MET A 12 0.98 -13.54 8.13
CA MET A 12 0.48 -14.04 9.41
C MET A 12 1.53 -13.91 10.51
N TYR A 13 1.06 -13.89 11.75
CA TYR A 13 1.92 -13.87 12.95
C TYR A 13 2.67 -12.55 13.10
N SER A 14 2.28 -11.51 12.37
CA SER A 14 3.01 -10.25 12.42
C SER A 14 2.46 -9.20 13.40
N GLY A 15 1.41 -9.53 14.14
CA GLY A 15 0.83 -8.59 15.12
C GLY A 15 -0.17 -7.58 14.58
N LYS A 16 -0.80 -7.90 13.44
CA LYS A 16 -1.73 -6.95 12.85
C LYS A 16 -2.93 -6.71 13.75
N THR A 17 -3.57 -7.78 14.20
CA THR A 17 -4.72 -7.62 15.07
C THR A 17 -4.31 -6.95 16.39
N THR A 18 -3.17 -7.36 16.93
CA THR A 18 -2.68 -6.69 18.15
C THR A 18 -2.59 -5.17 17.96
N GLU A 19 -2.02 -4.73 16.84
CA GLU A 19 -1.89 -3.28 16.61
C GLU A 19 -3.25 -2.61 16.42
N LEU A 20 -4.17 -3.29 15.73
CA LEU A 20 -5.49 -2.71 15.49
C LEU A 20 -6.18 -2.47 16.86
N LEU A 21 -6.10 -3.46 17.74
CA LEU A 21 -6.69 -3.37 19.10
C LEU A 21 -6.03 -2.27 19.95
N SER A 22 -4.72 -2.07 19.73
CA SER A 22 -4.05 -0.97 20.40
C SER A 22 -4.66 0.37 20.02
N PHE A 23 -5.02 0.54 18.75
CA PHE A 23 -5.66 1.77 18.33
C PHE A 23 -7.07 1.89 18.91
N VAL A 24 -7.81 0.77 18.98
CA VAL A 24 -9.15 0.78 19.57
C VAL A 24 -9.03 1.33 21.00
N GLU A 25 -8.05 0.81 21.75
CA GLU A 25 -7.87 1.20 23.16
C GLU A 25 -7.57 2.69 23.28
N ILE A 26 -6.75 3.21 22.38
CA ILE A 26 -6.46 4.63 22.37
C ILE A 26 -7.74 5.47 22.27
N TYR A 27 -8.62 5.10 21.35
CA TYR A 27 -9.86 5.81 21.18
C TYR A 27 -10.77 5.68 22.41
N LYS A 28 -10.86 4.46 22.95
CA LYS A 28 -11.72 4.25 24.13
C LYS A 28 -11.22 5.04 25.33
N LEU A 29 -9.90 5.07 25.53
CA LEU A 29 -9.33 5.85 26.64
C LEU A 29 -9.66 7.31 26.53
N GLY A 30 -9.76 7.79 25.29
CA GLY A 30 -10.15 9.15 25.01
C GLY A 30 -11.64 9.39 25.04
N LYS A 31 -12.41 8.37 25.41
CA LYS A 31 -13.87 8.44 25.46
C LYS A 31 -14.44 8.85 24.11
N LYS A 32 -13.85 8.30 23.05
CA LYS A 32 -14.29 8.53 21.66
C LYS A 32 -15.00 7.27 21.23
N LYS A 33 -16.19 7.43 20.66
CA LYS A 33 -17.01 6.30 20.24
C LYS A 33 -16.32 5.57 19.08
N VAL A 34 -16.34 4.24 19.12
CA VAL A 34 -15.76 3.42 18.07
C VAL A 34 -16.78 2.43 17.52
N ALA A 35 -16.50 1.90 16.35
CA ALA A 35 -17.25 0.77 15.79
C ALA A 35 -16.24 -0.19 15.23
N VAL A 36 -16.34 -1.45 15.61
CA VAL A 36 -15.34 -2.49 15.34
C VAL A 36 -16.02 -3.56 14.55
N PHE A 37 -15.42 -3.96 13.44
CA PHE A 37 -15.99 -4.93 12.52
C PHE A 37 -15.04 -6.03 12.16
N LYS A 38 -15.60 -7.18 11.87
CA LYS A 38 -14.86 -8.31 11.32
C LYS A 38 -15.77 -9.09 10.34
N PRO A 39 -15.18 -9.74 9.32
CA PRO A 39 -16.03 -10.42 8.34
C PRO A 39 -16.55 -11.75 8.89
N LYS A 40 -17.72 -12.15 8.41
CA LYS A 40 -18.29 -13.42 8.86
C LYS A 40 -17.55 -14.67 8.34
N HIS A 46 -20.08 -17.43 13.32
CA HIS A 46 -20.36 -16.22 14.11
C HIS A 46 -19.63 -16.22 15.45
N SER A 47 -18.41 -15.68 15.44
CA SER A 47 -17.61 -15.45 16.64
C SER A 47 -17.35 -13.96 16.72
N THR A 48 -18.02 -13.28 17.64
CA THR A 48 -17.95 -11.81 17.74
C THR A 48 -16.68 -11.26 18.40
N MET A 49 -15.81 -12.14 18.84
CA MET A 49 -14.60 -11.70 19.52
C MET A 49 -13.50 -11.33 18.54
N ILE A 50 -12.94 -10.14 18.71
CA ILE A 50 -11.63 -9.83 18.14
C ILE A 50 -10.64 -9.95 19.30
N VAL A 51 -9.77 -10.95 19.20
CA VAL A 51 -8.82 -11.26 20.27
C VAL A 51 -7.45 -11.56 19.68
N SER A 52 -6.41 -11.10 20.38
CA SER A 52 -5.04 -11.41 19.99
C SER A 52 -4.27 -12.02 21.17
N GLY A 57 -8.93 -8.61 24.10
CA GLY A 57 -9.99 -8.64 23.08
C GLY A 57 -11.08 -7.58 23.20
N VAL A 58 -11.74 -7.32 22.08
CA VAL A 58 -12.89 -6.42 22.08
C VAL A 58 -14.05 -7.08 21.35
N GLU A 59 -15.24 -6.61 21.64
CA GLU A 59 -16.44 -7.03 20.93
C GLU A 59 -16.37 -6.42 19.54
N ALA A 60 -16.70 -7.23 18.54
CA ALA A 60 -16.83 -6.76 17.17
C ALA A 60 -18.19 -7.13 16.60
N HIS A 61 -18.65 -6.28 15.68
CA HIS A 61 -19.77 -6.60 14.81
C HIS A 61 -19.28 -7.50 13.70
N VAL A 62 -19.90 -8.66 13.59
CA VAL A 62 -19.54 -9.62 12.56
C VAL A 62 -20.49 -9.41 11.43
N ILE A 63 -19.95 -9.12 10.26
CA ILE A 63 -20.80 -8.72 9.12
C ILE A 63 -20.36 -9.36 7.82
N GLU A 64 -21.30 -9.51 6.88
CA GLU A 64 -20.97 -10.17 5.63
C GLU A 64 -20.40 -9.22 4.61
N ARG A 65 -21.01 -8.04 4.48
CA ARG A 65 -20.71 -7.05 3.44
C ARG A 65 -20.30 -5.73 4.06
N PRO A 66 -19.38 -4.99 3.40
CA PRO A 66 -19.03 -3.66 3.88
C PRO A 66 -20.20 -2.69 3.98
N GLU A 67 -21.17 -2.81 3.09
CA GLU A 67 -22.40 -2.00 3.12
C GLU A 67 -23.16 -2.12 4.45
N GLU A 68 -22.95 -3.21 5.15
CA GLU A 68 -23.62 -3.45 6.45
C GLU A 68 -23.05 -2.62 7.61
N MET A 69 -21.89 -2.05 7.42
CA MET A 69 -21.28 -1.22 8.44
C MET A 69 -22.13 0.03 8.79
N ARG A 70 -22.79 0.61 7.79
CA ARG A 70 -23.62 1.83 7.98
C ARG A 70 -24.60 1.76 9.16
N LYS A 71 -25.25 0.61 9.32
CA LYS A 71 -26.22 0.42 10.40
C LYS A 71 -25.63 0.73 11.78
N TYR A 72 -24.35 0.40 11.94
CA TYR A 72 -23.69 0.39 13.26
C TYR A 72 -22.89 1.64 13.54
N ILE A 73 -22.92 2.58 12.61
CA ILE A 73 -22.13 3.78 12.73
C ILE A 73 -23.03 4.94 13.09
N GLU A 74 -22.75 5.53 14.24
CA GLU A 74 -23.62 6.54 14.83
C GLU A 74 -23.06 7.92 14.53
N GLU A 75 -23.82 8.95 14.85
CA GLU A 75 -23.43 10.31 14.46
C GLU A 75 -22.15 10.81 15.16
N ASP A 76 -21.87 10.30 16.34
CA ASP A 76 -20.67 10.68 17.08
C ASP A 76 -19.59 9.56 17.10
N THR A 77 -19.71 8.62 16.17
CA THR A 77 -18.62 7.66 15.95
C THR A 77 -17.34 8.39 15.46
N ARG A 78 -16.23 8.12 16.14
CA ARG A 78 -14.99 8.84 15.81
C ARG A 78 -13.98 7.95 15.09
N GLY A 79 -13.98 6.65 15.40
CA GLY A 79 -13.08 5.69 14.75
C GLY A 79 -13.84 4.42 14.37
N VAL A 80 -13.48 3.91 13.19
CA VAL A 80 -13.98 2.63 12.68
C VAL A 80 -12.78 1.72 12.51
N PHE A 81 -12.89 0.47 12.95
CA PHE A 81 -11.77 -0.48 13.04
C PHE A 81 -12.24 -1.74 12.36
N ILE A 82 -11.49 -2.22 11.39
CA ILE A 82 -11.91 -3.35 10.58
C ILE A 82 -10.78 -4.36 10.52
N ASP A 83 -11.00 -5.58 10.97
CA ASP A 83 -10.00 -6.64 10.85
C ASP A 83 -10.30 -7.56 9.69
N GLU A 84 -9.25 -8.29 9.30
CA GLU A 84 -9.31 -9.33 8.24
C GLU A 84 -9.88 -8.74 6.97
N VAL A 85 -9.40 -7.55 6.61
CA VAL A 85 -9.99 -6.86 5.45
C VAL A 85 -9.83 -7.60 4.15
N GLN A 86 -8.86 -8.50 4.07
CA GLN A 86 -8.66 -9.23 2.81
C GLN A 86 -9.90 -10.04 2.45
N PHE A 87 -10.69 -10.40 3.44
CA PHE A 87 -11.89 -11.20 3.18
C PHE A 87 -13.13 -10.37 2.83
N PHE A 88 -13.08 -9.05 2.92
CA PHE A 88 -14.24 -8.24 2.54
C PHE A 88 -14.28 -7.99 1.04
N ASN A 89 -15.49 -7.79 0.51
CA ASN A 89 -15.66 -7.32 -0.88
C ASN A 89 -14.92 -6.00 -1.15
N PRO A 90 -14.38 -5.83 -2.36
CA PRO A 90 -13.70 -4.57 -2.72
C PRO A 90 -14.57 -3.31 -2.63
N SER A 91 -15.90 -3.43 -2.49
CA SER A 91 -16.79 -2.26 -2.19
C SER A 91 -16.34 -1.57 -0.90
N LEU A 92 -15.53 -2.27 -0.10
CA LEU A 92 -15.00 -1.65 1.13
C LEU A 92 -14.24 -0.34 0.82
N PHE A 93 -13.59 -0.26 -0.34
CA PHE A 93 -12.87 0.96 -0.72
C PHE A 93 -13.78 2.18 -0.72
N GLU A 94 -14.95 2.11 -1.34
CA GLU A 94 -15.84 3.30 -1.37
C GLU A 94 -16.49 3.54 -0.03
N VAL A 95 -16.78 2.48 0.71
CA VAL A 95 -17.40 2.66 2.04
C VAL A 95 -16.38 3.40 2.93
N VAL A 96 -15.11 2.98 2.86
CA VAL A 96 -14.10 3.65 3.67
C VAL A 96 -13.88 5.09 3.24
N LYS A 97 -13.84 5.36 1.93
CA LYS A 97 -13.68 6.72 1.43
C LYS A 97 -14.81 7.62 1.99
N ASP A 98 -16.03 7.10 1.98
CA ASP A 98 -17.16 7.86 2.51
C ASP A 98 -17.03 8.20 4.01
N LEU A 99 -16.55 7.23 4.80
CA LEU A 99 -16.31 7.48 6.22
C LEU A 99 -15.26 8.60 6.41
N LEU A 100 -14.15 8.53 5.67
CA LEU A 100 -13.10 9.56 5.77
C LEU A 100 -13.65 10.94 5.43
N ASP A 101 -14.45 10.96 4.38
CA ASP A 101 -15.10 12.19 3.96
C ASP A 101 -16.00 12.79 5.04
N ARG A 102 -16.58 11.94 5.88
CA ARG A 102 -17.42 12.35 7.00
C ARG A 102 -16.65 12.70 8.28
N GLY A 103 -15.33 12.63 8.26
CA GLY A 103 -14.53 13.00 9.43
C GLY A 103 -14.17 11.86 10.35
N ILE A 104 -14.54 10.65 9.96
CA ILE A 104 -14.29 9.45 10.76
C ILE A 104 -12.95 8.80 10.38
N ASP A 105 -12.09 8.55 11.38
CA ASP A 105 -10.81 7.83 11.17
C ASP A 105 -11.12 6.36 10.98
N VAL A 106 -10.38 5.74 10.07
CA VAL A 106 -10.53 4.34 9.82
C VAL A 106 -9.20 3.63 9.96
N PHE A 107 -9.22 2.48 10.62
CA PHE A 107 -8.06 1.61 10.78
C PHE A 107 -8.42 0.25 10.24
N CYS A 108 -7.64 -0.26 9.29
CA CYS A 108 -7.88 -1.57 8.68
C CYS A 108 -6.68 -2.43 8.90
N ALA A 109 -6.91 -3.68 9.28
CA ALA A 109 -5.82 -4.67 9.34
C ALA A 109 -6.16 -5.78 8.42
N GLY A 110 -5.18 -6.30 7.69
CA GLY A 110 -5.42 -7.49 6.84
C GLY A 110 -4.18 -7.94 6.14
N LEU A 111 -4.24 -9.14 5.57
CA LEU A 111 -3.10 -9.68 4.83
C LEU A 111 -2.90 -8.96 3.50
N ASP A 112 -1.63 -8.70 3.16
CA ASP A 112 -1.27 -8.16 1.84
C ASP A 112 -1.18 -9.21 0.71
N LEU A 113 -0.65 -10.39 1.03
CA LEU A 113 -0.43 -11.41 0.05
C LEU A 113 -0.98 -12.75 0.54
N THR A 114 -1.41 -13.54 -0.41
CA THR A 114 -1.74 -14.94 -0.12
C THR A 114 -0.46 -15.73 0.11
N HIS A 115 -0.66 -16.99 0.53
CA HIS A 115 0.48 -17.89 0.70
C HIS A 115 1.17 -18.20 -0.62
N LYS A 116 0.52 -17.87 -1.75
CA LYS A 116 1.14 -18.04 -3.07
C LYS A 116 1.71 -16.70 -3.61
N GLN A 117 1.75 -15.70 -2.75
CA GLN A 117 2.26 -14.36 -3.10
C GLN A 117 1.45 -13.69 -4.18
N ASN A 118 0.15 -13.95 -4.19
CA ASN A 118 -0.78 -13.16 -4.99
C ASN A 118 -1.39 -12.09 -4.12
N PRO A 119 -1.71 -10.93 -4.71
CA PRO A 119 -2.23 -9.84 -3.90
C PRO A 119 -3.65 -10.14 -3.47
N PHE A 120 -3.98 -9.81 -2.22
CA PHE A 120 -5.39 -9.69 -1.82
C PHE A 120 -5.93 -8.38 -2.36
N GLU A 121 -6.93 -8.45 -3.24
CA GLU A 121 -7.46 -7.26 -3.94
C GLU A 121 -7.94 -6.18 -2.98
N THR A 122 -8.73 -6.56 -1.99
CA THR A 122 -9.29 -5.55 -1.10
C THR A 122 -8.21 -4.82 -0.29
N THR A 123 -7.22 -5.56 0.20
CA THR A 123 -6.16 -4.91 0.90
C THR A 123 -5.41 -3.98 -0.02
N ALA A 124 -5.17 -4.44 -1.26
CA ALA A 124 -4.44 -3.58 -2.23
C ALA A 124 -5.15 -2.25 -2.45
N LEU A 125 -6.46 -2.31 -2.63
CA LEU A 125 -7.23 -1.09 -2.87
C LEU A 125 -7.13 -0.15 -1.65
N LEU A 126 -7.19 -0.71 -0.44
CA LEU A 126 -7.15 0.11 0.76
C LEU A 126 -5.75 0.71 0.95
N LEU A 127 -4.71 -0.04 0.59
CA LEU A 127 -3.35 0.51 0.63
C LEU A 127 -3.26 1.73 -0.29
N SER A 128 -3.93 1.69 -1.46
CA SER A 128 -3.88 2.87 -2.32
C SER A 128 -4.60 4.09 -1.70
N LEU A 129 -5.67 3.87 -0.93
CA LEU A 129 -6.39 4.95 -0.30
C LEU A 129 -5.74 5.48 0.98
N ALA A 130 -4.88 4.64 1.59
CA ALA A 130 -4.35 4.93 2.93
C ALA A 130 -3.61 6.23 3.03
N ASP A 131 -3.80 6.92 4.15
CA ASP A 131 -2.92 8.01 4.58
C ASP A 131 -1.62 7.47 5.20
N THR A 132 -1.69 6.34 5.93
CA THR A 132 -0.52 5.76 6.57
C THR A 132 -0.59 4.25 6.35
N VAL A 133 0.54 3.65 6.03
CA VAL A 133 0.63 2.20 5.88
C VAL A 133 1.67 1.66 6.88
N ILE A 134 1.26 0.68 7.66
CA ILE A 134 2.18 0.05 8.61
C ILE A 134 2.42 -1.40 8.12
N LYS A 135 3.54 -1.68 7.48
CA LYS A 135 3.90 -3.06 7.19
C LYS A 135 4.49 -3.72 8.44
N LYS A 136 3.85 -4.81 8.83
CA LYS A 136 4.30 -5.58 10.00
C LYS A 136 5.14 -6.78 9.55
N LYS A 137 6.12 -7.13 10.37
CA LYS A 137 6.95 -8.32 10.13
C LYS A 137 6.65 -9.36 11.19
N ALA A 138 7.03 -10.59 10.89
CA ALA A 138 6.99 -11.68 11.84
C ALA A 138 8.43 -12.25 12.02
N VAL A 139 8.60 -13.12 13.02
CA VAL A 139 9.80 -13.88 13.17
C VAL A 139 9.72 -15.04 12.16
N CYS A 140 10.79 -15.26 11.40
CA CYS A 140 10.82 -16.33 10.42
C CYS A 140 10.88 -17.67 11.14
N HIS A 141 9.93 -18.52 10.79
CA HIS A 141 9.79 -19.83 11.38
C HIS A 141 11.05 -20.65 11.11
N ARG A 142 11.74 -20.35 10.02
CA ARG A 142 12.86 -21.17 9.63
C ARG A 142 14.19 -20.66 10.21
N CYS A 143 14.49 -19.37 10.02
CA CYS A 143 15.81 -18.83 10.43
C CYS A 143 15.77 -18.03 11.73
N GLY A 144 14.57 -17.76 12.25
CA GLY A 144 14.45 -17.07 13.51
C GLY A 144 14.72 -15.57 13.50
N GLU A 145 15.04 -14.97 12.35
CA GLU A 145 15.28 -13.54 12.29
C GLU A 145 13.93 -12.81 12.23
N TYR A 146 13.94 -11.53 12.61
CA TYR A 146 12.75 -10.69 12.55
C TYR A 146 12.65 -10.06 11.16
N ASN A 147 12.36 -10.89 10.18
CA ASN A 147 12.44 -10.51 8.79
C ASN A 147 11.40 -11.22 7.91
N ALA A 148 10.40 -11.84 8.52
CA ALA A 148 9.37 -12.54 7.78
C ALA A 148 8.32 -11.59 7.26
N THR A 149 8.15 -11.63 5.95
CA THR A 149 7.21 -10.77 5.25
C THR A 149 6.18 -11.56 4.47
N LEU A 150 6.33 -12.89 4.48
CA LEU A 150 5.49 -13.81 3.67
C LEU A 150 4.88 -14.88 4.54
N THR A 151 3.80 -15.48 4.05
CA THR A 151 3.18 -16.64 4.70
C THR A 151 3.36 -17.85 3.79
N LEU A 152 3.78 -18.97 4.37
CA LEU A 152 3.88 -20.20 3.60
C LEU A 152 2.89 -21.24 4.17
N LYS A 153 2.20 -21.95 3.27
CA LYS A 153 1.22 -22.94 3.71
C LYS A 153 1.90 -24.31 3.82
N VAL A 154 1.73 -24.95 4.97
CA VAL A 154 2.46 -26.17 5.33
C VAL A 154 1.57 -27.40 5.45
N ALA A 155 0.26 -27.19 5.45
CA ALA A 155 -0.68 -28.31 5.51
C ALA A 155 -1.99 -27.90 4.90
N GLY A 156 -2.79 -28.91 4.54
CA GLY A 156 -4.03 -28.68 3.85
C GLY A 156 -3.75 -28.64 2.36
N GLY A 157 -4.71 -28.12 1.61
CA GLY A 157 -4.58 -28.05 0.17
C GLY A 157 -3.96 -26.75 -0.28
N GLU A 158 -3.86 -26.58 -1.59
CA GLU A 158 -3.20 -25.39 -2.12
C GLU A 158 -4.11 -24.16 -2.21
N GLU A 159 -5.37 -24.30 -1.83
CA GLU A 159 -6.32 -23.20 -2.00
C GLU A 159 -5.90 -21.91 -1.26
N GLU A 160 -6.21 -20.77 -1.87
CA GLU A 160 -5.83 -19.45 -1.34
C GLU A 160 -6.81 -18.83 -0.34
N ILE A 161 -8.03 -19.35 -0.25
CA ILE A 161 -8.95 -19.00 0.81
C ILE A 161 -9.07 -20.23 1.75
N ASP A 162 -8.53 -20.11 2.97
CA ASP A 162 -8.48 -21.25 3.89
C ASP A 162 -8.17 -20.71 5.30
N VAL A 163 -9.24 -20.53 6.06
CA VAL A 163 -9.17 -19.98 7.41
C VAL A 163 -8.38 -20.96 8.28
N GLY A 164 -7.47 -20.44 9.11
CA GLY A 164 -6.68 -21.34 9.96
C GLY A 164 -5.55 -20.62 10.63
N GLY A 165 -4.79 -21.37 11.42
CA GLY A 165 -3.63 -20.88 12.18
C GLY A 165 -2.40 -21.74 11.97
N GLN A 166 -1.74 -22.08 13.10
CA GLN A 166 -0.47 -22.79 13.07
C GLN A 166 -0.58 -24.21 12.49
N GLU A 167 -1.78 -24.75 12.44
CA GLU A 167 -1.98 -26.06 11.81
C GLU A 167 -1.76 -26.01 10.27
N LYS A 168 -1.80 -24.81 9.67
CA LYS A 168 -1.70 -24.73 8.22
C LYS A 168 -0.64 -23.75 7.70
N TYR A 169 -0.29 -22.75 8.52
CA TYR A 169 0.55 -21.66 8.03
C TYR A 169 1.75 -21.33 8.92
N ILE A 170 2.86 -20.96 8.27
CA ILE A 170 4.01 -20.36 8.97
C ILE A 170 4.39 -19.04 8.29
N ALA A 171 5.06 -18.19 9.05
CA ALA A 171 5.60 -16.92 8.52
C ALA A 171 7.04 -17.19 8.17
N VAL A 172 7.46 -16.74 6.98
CA VAL A 172 8.87 -16.87 6.57
C VAL A 172 9.40 -15.63 5.90
N CYS A 173 10.70 -15.46 5.95
CA CYS A 173 11.32 -14.44 5.11
C CYS A 173 11.37 -14.90 3.62
N ARG A 174 11.73 -13.98 2.73
CA ARG A 174 11.65 -14.28 1.30
C ARG A 174 12.62 -15.41 0.94
N ASP A 175 13.84 -15.35 1.48
CA ASP A 175 14.83 -16.40 1.16
C ASP A 175 14.39 -17.77 1.67
N CYS A 176 13.85 -17.83 2.89
CA CYS A 176 13.35 -19.09 3.44
C CYS A 176 12.13 -19.62 2.65
N TYR A 177 11.25 -18.72 2.20
CA TYR A 177 10.09 -19.11 1.38
C TYR A 177 10.59 -19.79 0.12
N ASN A 178 11.56 -19.17 -0.56
CA ASN A 178 12.10 -19.69 -1.81
C ASN A 178 12.86 -21.01 -1.59
N THR A 179 13.59 -21.10 -0.51
CA THR A 179 14.30 -22.34 -0.16
C THR A 179 13.30 -23.49 0.06
N LEU A 180 12.26 -23.21 0.84
CA LEU A 180 11.32 -24.26 1.22
C LEU A 180 10.46 -24.69 0.04
N LYS A 181 10.15 -23.77 -0.85
CA LYS A 181 9.43 -24.11 -2.06
C LYS A 181 10.43 -24.82 -2.97
N SER B 2 17.59 -11.63 0.43
CA SER B 2 16.73 -11.29 -0.73
C SER B 2 16.79 -9.80 -0.93
N GLY B 3 16.28 -9.35 -2.06
CA GLY B 3 16.13 -7.92 -2.23
C GLY B 3 14.89 -7.44 -1.47
N LYS B 4 14.88 -6.16 -1.13
CA LYS B 4 13.70 -5.54 -0.50
C LYS B 4 13.01 -4.56 -1.45
N LEU B 5 11.67 -4.46 -1.34
CA LEU B 5 10.93 -3.54 -2.19
C LEU B 5 10.42 -2.37 -1.34
N THR B 6 10.78 -1.17 -1.74
CA THR B 6 10.33 0.06 -1.12
C THR B 6 9.44 0.81 -2.11
N VAL B 7 8.20 1.11 -1.73
CA VAL B 7 7.30 1.86 -2.59
C VAL B 7 7.01 3.23 -2.02
N ILE B 8 7.30 4.27 -2.80
CA ILE B 8 7.11 5.65 -2.36
C ILE B 8 5.90 6.16 -3.11
N THR B 9 4.86 6.58 -2.40
CA THR B 9 3.61 6.95 -3.06
C THR B 9 2.94 8.14 -2.41
N GLY B 10 1.95 8.70 -3.06
CA GLY B 10 1.35 9.92 -2.56
C GLY B 10 0.87 10.71 -3.77
N PRO B 11 0.32 11.91 -3.55
CA PRO B 11 -0.26 12.66 -4.67
C PRO B 11 0.87 13.37 -5.46
N MET B 12 0.47 14.21 -6.41
CA MET B 12 1.51 15.00 -7.09
C MET B 12 2.12 16.00 -6.10
N TYR B 13 3.36 16.39 -6.41
CA TYR B 13 4.10 17.47 -5.67
C TYR B 13 4.50 17.03 -4.28
N SER B 14 4.44 15.73 -4.02
CA SER B 14 4.69 15.28 -2.63
C SER B 14 6.15 14.80 -2.41
N GLY B 15 7.00 14.87 -3.42
CA GLY B 15 8.42 14.59 -3.29
C GLY B 15 8.77 13.13 -3.57
N LYS B 16 7.93 12.43 -4.33
CA LYS B 16 8.19 11.02 -4.63
C LYS B 16 9.48 10.81 -5.47
N THR B 17 9.59 11.54 -6.56
CA THR B 17 10.80 11.40 -7.41
C THR B 17 12.05 11.91 -6.65
N THR B 18 11.90 12.99 -5.86
CA THR B 18 13.00 13.47 -4.99
C THR B 18 13.52 12.37 -4.08
N GLU B 19 12.58 11.65 -3.46
CA GLU B 19 13.02 10.55 -2.57
C GLU B 19 13.62 9.40 -3.37
N LEU B 20 13.00 9.01 -4.48
CA LEU B 20 13.59 7.98 -5.32
C LEU B 20 15.04 8.32 -5.70
N LEU B 21 15.26 9.57 -6.12
CA LEU B 21 16.63 10.03 -6.48
C LEU B 21 17.60 10.00 -5.30
N SER B 22 17.08 10.23 -4.09
CA SER B 22 17.93 10.15 -2.89
C SER B 22 18.43 8.73 -2.73
N PHE B 23 17.54 7.76 -2.92
CA PHE B 23 17.96 6.34 -2.86
C PHE B 23 18.94 5.96 -3.97
N VAL B 24 18.78 6.50 -5.17
CA VAL B 24 19.71 6.20 -6.26
C VAL B 24 21.09 6.69 -5.80
N GLU B 25 21.17 7.92 -5.28
CA GLU B 25 22.44 8.48 -4.81
C GLU B 25 23.10 7.63 -3.75
N ILE B 26 22.32 7.13 -2.80
CA ILE B 26 22.84 6.23 -1.75
C ILE B 26 23.57 5.03 -2.35
N TYR B 27 22.92 4.38 -3.33
CA TYR B 27 23.56 3.22 -3.95
C TYR B 27 24.82 3.63 -4.74
N LYS B 28 24.74 4.70 -5.51
CA LYS B 28 25.90 5.20 -6.27
C LYS B 28 27.07 5.54 -5.35
N LEU B 29 26.80 6.17 -4.21
CA LEU B 29 27.89 6.50 -3.27
C LEU B 29 28.59 5.26 -2.76
N GLY B 30 27.83 4.17 -2.65
CA GLY B 30 28.36 2.91 -2.16
C GLY B 30 29.04 2.11 -3.25
N LYS B 31 29.15 2.70 -4.45
CA LYS B 31 29.69 2.02 -5.64
C LYS B 31 28.93 0.73 -5.96
N LYS B 32 27.61 0.77 -5.78
CA LYS B 32 26.74 -0.35 -6.10
C LYS B 32 26.12 -0.03 -7.44
N LYS B 33 26.14 -1.00 -8.34
CA LYS B 33 25.56 -0.77 -9.65
C LYS B 33 24.03 -0.62 -9.52
N VAL B 34 23.50 0.33 -10.29
CA VAL B 34 22.06 0.58 -10.33
C VAL B 34 21.52 0.52 -11.73
N ALA B 35 20.20 0.34 -11.80
CA ALA B 35 19.46 0.45 -13.08
C ALA B 35 18.24 1.28 -12.79
N VAL B 36 18.02 2.32 -13.59
CA VAL B 36 17.00 3.33 -13.38
C VAL B 36 16.08 3.40 -14.61
N PHE B 37 14.78 3.38 -14.36
CA PHE B 37 13.75 3.25 -15.39
C PHE B 37 12.62 4.25 -15.23
N LYS B 38 12.09 4.68 -16.37
CA LYS B 38 10.89 5.50 -16.43
C LYS B 38 10.04 5.08 -17.65
N PRO B 39 8.72 5.25 -17.56
CA PRO B 39 7.87 4.79 -18.67
C PRO B 39 7.90 5.71 -19.89
N LYS B 40 7.73 5.13 -21.07
CA LYS B 40 7.62 5.89 -22.29
C LYS B 40 6.18 6.39 -22.41
N ILE B 41 5.97 7.69 -22.18
CA ILE B 41 4.62 8.29 -22.29
C ILE B 41 4.60 9.79 -21.96
N ASP B 42 5.45 10.55 -22.67
CA ASP B 42 5.35 12.01 -22.77
C ASP B 42 5.45 12.70 -21.40
N THR B 48 14.93 11.65 -21.19
CA THR B 48 15.44 10.43 -20.55
C THR B 48 15.73 10.64 -19.06
N MET B 49 15.63 11.88 -18.59
CA MET B 49 16.02 12.14 -17.21
C MET B 49 14.86 11.98 -16.24
N ILE B 50 15.19 11.44 -15.06
CA ILE B 50 14.30 11.56 -13.92
C ILE B 50 14.82 12.74 -13.10
N VAL B 51 13.96 13.74 -12.95
CA VAL B 51 14.37 14.97 -12.28
C VAL B 51 13.22 15.49 -11.44
N SER B 52 13.55 15.85 -10.20
CA SER B 52 12.58 16.37 -9.27
C SER B 52 12.60 17.89 -9.33
N HIS B 53 13.77 18.47 -9.03
CA HIS B 53 14.02 19.93 -9.04
C HIS B 53 13.06 20.74 -8.16
N GLY B 57 19.16 15.29 -10.70
CA GLY B 57 18.47 14.34 -11.59
C GLY B 57 19.41 13.34 -12.25
N VAL B 58 18.89 12.16 -12.57
CA VAL B 58 19.68 11.11 -13.20
C VAL B 58 19.04 10.62 -14.50
N GLU B 59 19.89 10.10 -15.37
CA GLU B 59 19.44 9.54 -16.63
C GLU B 59 18.77 8.18 -16.36
N ALA B 60 17.79 7.83 -17.18
CA ALA B 60 17.03 6.62 -16.97
C ALA B 60 16.86 5.93 -18.30
N HIS B 61 16.67 4.62 -18.28
CA HIS B 61 16.19 3.89 -19.44
C HIS B 61 14.70 4.10 -19.59
N VAL B 62 14.28 4.62 -20.75
CA VAL B 62 12.85 4.82 -21.03
C VAL B 62 12.32 3.58 -21.72
N ILE B 63 11.33 2.95 -21.09
CA ILE B 63 10.83 1.66 -21.53
C ILE B 63 9.32 1.62 -21.56
N GLU B 64 8.77 0.72 -22.37
CA GLU B 64 7.33 0.58 -22.47
C GLU B 64 6.86 -0.51 -21.52
N ARG B 65 7.34 -1.72 -21.74
CA ARG B 65 6.90 -2.90 -20.99
C ARG B 65 7.86 -3.09 -19.82
N PRO B 66 7.35 -3.46 -18.64
CA PRO B 66 8.24 -3.75 -17.49
C PRO B 66 9.29 -4.77 -17.80
N GLU B 67 8.94 -5.78 -18.59
CA GLU B 67 9.86 -6.86 -18.97
C GLU B 67 11.11 -6.37 -19.70
N GLU B 68 11.02 -5.17 -20.30
CA GLU B 68 12.18 -4.52 -20.94
C GLU B 68 13.30 -4.18 -19.95
N MET B 69 12.99 -4.09 -18.66
CA MET B 69 14.03 -3.84 -17.67
C MET B 69 15.14 -4.87 -17.71
N ARG B 70 14.76 -6.10 -18.03
CA ARG B 70 15.68 -7.21 -17.99
C ARG B 70 16.88 -7.02 -18.93
N LYS B 71 16.69 -6.29 -20.02
CA LYS B 71 17.77 -5.99 -20.98
C LYS B 71 18.90 -5.18 -20.33
N TYR B 72 18.57 -4.49 -19.25
CA TYR B 72 19.51 -3.53 -18.69
C TYR B 72 20.02 -3.91 -17.30
N ILE B 73 19.55 -5.04 -16.79
CA ILE B 73 19.94 -5.45 -15.45
C ILE B 73 21.13 -6.39 -15.63
N GLU B 74 22.23 -6.10 -14.93
CA GLU B 74 23.46 -6.87 -15.08
C GLU B 74 23.62 -7.81 -13.90
N GLU B 75 24.61 -8.69 -14.01
CA GLU B 75 24.92 -9.62 -12.93
C GLU B 75 25.17 -8.90 -11.60
N ASP B 76 25.94 -7.81 -11.63
CA ASP B 76 26.25 -7.09 -10.39
C ASP B 76 25.30 -5.93 -10.04
N THR B 77 24.13 -5.88 -10.69
CA THR B 77 23.15 -4.84 -10.35
C THR B 77 22.62 -5.06 -8.93
N ARG B 78 22.73 -4.05 -8.09
CA ARG B 78 22.31 -4.15 -6.70
C ARG B 78 20.97 -3.49 -6.39
N GLY B 79 20.62 -2.49 -7.18
CA GLY B 79 19.40 -1.72 -6.97
C GLY B 79 18.74 -1.33 -8.29
N VAL B 80 17.42 -1.46 -8.31
CA VAL B 80 16.57 -1.10 -9.46
C VAL B 80 15.63 -0.01 -8.98
N PHE B 81 15.52 1.06 -9.78
CA PHE B 81 14.75 2.28 -9.42
C PHE B 81 13.79 2.59 -10.53
N ILE B 82 12.50 2.69 -10.18
CA ILE B 82 11.49 2.80 -11.22
C ILE B 82 10.61 3.99 -10.85
N ASP B 83 10.51 4.98 -11.73
CA ASP B 83 9.65 6.13 -11.45
C ASP B 83 8.35 6.00 -12.24
N GLU B 84 7.32 6.72 -11.77
CA GLU B 84 6.00 6.78 -12.44
C GLU B 84 5.39 5.40 -12.64
N VAL B 85 5.44 4.57 -11.60
CA VAL B 85 5.02 3.18 -11.76
C VAL B 85 3.54 3.03 -12.13
N GLN B 86 2.74 4.05 -11.81
CA GLN B 86 1.32 3.96 -12.15
C GLN B 86 1.10 3.72 -13.67
N PHE B 87 2.08 4.13 -14.47
CA PHE B 87 1.95 4.06 -15.93
C PHE B 87 2.42 2.74 -16.50
N PHE B 88 2.93 1.83 -15.69
CA PHE B 88 3.37 0.53 -16.19
C PHE B 88 2.27 -0.50 -16.13
N ASN B 89 2.29 -1.43 -17.07
CA ASN B 89 1.47 -2.64 -17.03
C ASN B 89 1.59 -3.38 -15.70
N PRO B 90 0.46 -3.90 -15.21
CA PRO B 90 0.50 -4.62 -13.93
C PRO B 90 1.44 -5.82 -13.84
N SER B 91 1.95 -6.31 -14.98
CA SER B 91 2.98 -7.35 -14.97
C SER B 91 4.24 -6.90 -14.20
N LEU B 92 4.33 -5.59 -13.94
CA LEU B 92 5.45 -5.06 -13.14
C LEU B 92 5.51 -5.76 -11.80
N PHE B 93 4.36 -6.23 -11.28
CA PHE B 93 4.33 -6.93 -9.99
C PHE B 93 5.21 -8.19 -10.05
N GLU B 94 5.05 -8.99 -11.11
CA GLU B 94 5.83 -10.25 -11.21
C GLU B 94 7.27 -10.01 -11.59
N VAL B 95 7.52 -8.98 -12.41
CA VAL B 95 8.89 -8.61 -12.75
C VAL B 95 9.64 -8.21 -11.47
N VAL B 96 9.04 -7.36 -10.64
CA VAL B 96 9.65 -6.96 -9.38
C VAL B 96 9.88 -8.15 -8.44
N LYS B 97 8.89 -9.04 -8.27
CA LYS B 97 9.06 -10.21 -7.40
C LYS B 97 10.29 -11.03 -7.79
N ASP B 98 10.45 -11.22 -9.10
CA ASP B 98 11.60 -11.97 -9.59
C ASP B 98 12.92 -11.25 -9.23
N LEU B 99 12.97 -9.94 -9.36
CA LEU B 99 14.17 -9.18 -8.96
C LEU B 99 14.49 -9.33 -7.47
N LEU B 100 13.46 -9.23 -6.62
CA LEU B 100 13.66 -9.44 -5.18
C LEU B 100 14.20 -10.82 -4.90
N ASP B 101 13.66 -11.84 -5.59
CA ASP B 101 14.11 -13.23 -5.38
C ASP B 101 15.57 -13.43 -5.77
N ARG B 102 16.06 -12.59 -6.68
CA ARG B 102 17.46 -12.62 -7.14
C ARG B 102 18.38 -11.76 -6.28
N GLY B 103 17.86 -11.20 -5.18
CA GLY B 103 18.68 -10.38 -4.27
C GLY B 103 18.84 -8.91 -4.61
N ILE B 104 18.06 -8.44 -5.58
CA ILE B 104 18.17 -7.08 -6.06
C ILE B 104 17.13 -6.23 -5.31
N ASP B 105 17.57 -5.12 -4.71
CA ASP B 105 16.62 -4.22 -4.05
C ASP B 105 15.89 -3.39 -5.09
N VAL B 106 14.60 -3.13 -4.87
CA VAL B 106 13.79 -2.37 -5.82
C VAL B 106 13.11 -1.21 -5.11
N PHE B 107 13.17 -0.04 -5.73
CA PHE B 107 12.54 1.16 -5.23
C PHE B 107 11.63 1.66 -6.32
N CYS B 108 10.35 1.81 -6.01
CA CYS B 108 9.33 2.27 -6.97
C CYS B 108 8.74 3.55 -6.44
N ALA B 109 8.52 4.52 -7.32
CA ALA B 109 7.75 5.70 -6.98
C ALA B 109 6.59 5.82 -7.93
N GLY B 110 5.42 6.16 -7.41
CA GLY B 110 4.26 6.40 -8.29
C GLY B 110 3.06 6.90 -7.53
N LEU B 111 2.09 7.39 -8.29
CA LEU B 111 0.86 7.88 -7.67
C LEU B 111 0.04 6.69 -7.19
N ASP B 112 -0.60 6.90 -6.05
CA ASP B 112 -1.52 5.92 -5.50
C ASP B 112 -2.95 6.01 -6.08
N LEU B 113 -3.40 7.23 -6.30
CA LEU B 113 -4.77 7.48 -6.69
C LEU B 113 -4.75 8.41 -7.89
N THR B 114 -5.69 8.17 -8.79
CA THR B 114 -5.97 9.18 -9.84
C THR B 114 -6.62 10.46 -9.30
N HIS B 115 -6.80 11.46 -10.17
CA HIS B 115 -7.45 12.66 -9.76
C HIS B 115 -8.94 12.46 -9.43
N LYS B 116 -9.50 11.32 -9.84
CA LYS B 116 -10.89 10.95 -9.48
C LYS B 116 -10.95 10.11 -8.18
N GLN B 117 -9.80 9.94 -7.53
CA GLN B 117 -9.66 9.09 -6.34
C GLN B 117 -9.99 7.63 -6.64
N ASN B 118 -9.63 7.17 -7.83
CA ASN B 118 -9.65 5.72 -8.11
C ASN B 118 -8.21 5.19 -7.97
N PRO B 119 -8.04 3.91 -7.54
CA PRO B 119 -6.69 3.41 -7.39
C PRO B 119 -5.96 3.28 -8.72
N PHE B 120 -4.70 3.67 -8.76
CA PHE B 120 -3.82 3.20 -9.85
C PHE B 120 -3.44 1.74 -9.58
N GLU B 121 -3.93 0.82 -10.40
CA GLU B 121 -3.81 -0.59 -10.07
C GLU B 121 -2.39 -1.10 -9.97
N THR B 122 -1.49 -0.62 -10.82
CA THR B 122 -0.10 -1.08 -10.74
C THR B 122 0.58 -0.68 -9.42
N THR B 123 0.32 0.54 -8.99
CA THR B 123 0.83 1.02 -7.71
C THR B 123 0.24 0.17 -6.56
N ALA B 124 -1.04 -0.15 -6.64
CA ALA B 124 -1.74 -0.90 -5.60
C ALA B 124 -1.13 -2.29 -5.46
N LEU B 125 -0.84 -2.93 -6.59
CA LEU B 125 -0.24 -4.26 -6.59
C LEU B 125 1.15 -4.12 -5.96
N LEU B 126 1.89 -3.06 -6.31
CA LEU B 126 3.25 -2.95 -5.75
C LEU B 126 3.21 -2.67 -4.23
N LEU B 127 2.20 -1.93 -3.76
CA LEU B 127 2.01 -1.67 -2.32
C LEU B 127 1.80 -3.02 -1.61
N SER B 128 1.05 -3.93 -2.24
CA SER B 128 0.81 -5.26 -1.67
C SER B 128 2.13 -6.05 -1.46
N LEU B 129 3.01 -5.94 -2.45
CA LEU B 129 4.27 -6.67 -2.47
C LEU B 129 5.35 -6.05 -1.56
N ALA B 130 5.19 -4.76 -1.27
CA ALA B 130 6.22 -3.98 -0.62
C ALA B 130 6.65 -4.50 0.74
N ASP B 131 7.93 -4.34 1.03
CA ASP B 131 8.44 -4.54 2.37
C ASP B 131 8.29 -3.25 3.16
N THR B 132 8.36 -2.08 2.48
CA THR B 132 8.26 -0.79 3.16
C THR B 132 7.47 0.11 2.23
N VAL B 133 6.53 0.87 2.79
CA VAL B 133 5.71 1.81 2.06
C VAL B 133 5.97 3.17 2.68
N ILE B 134 6.22 4.16 1.83
CA ILE B 134 6.42 5.52 2.29
C ILE B 134 5.34 6.37 1.65
N LYS B 135 4.35 6.79 2.44
CA LYS B 135 3.31 7.70 1.94
C LYS B 135 3.81 9.11 2.11
N LYS B 136 3.84 9.83 0.98
CA LYS B 136 4.30 11.20 0.94
C LYS B 136 3.14 12.18 0.92
N LYS B 137 3.35 13.32 1.56
CA LYS B 137 2.35 14.37 1.55
C LYS B 137 2.84 15.59 0.81
N ALA B 138 1.92 16.42 0.35
CA ALA B 138 2.29 17.70 -0.26
C ALA B 138 1.66 18.84 0.58
N VAL B 139 2.07 20.08 0.29
CA VAL B 139 1.36 21.26 0.77
C VAL B 139 0.05 21.46 -0.01
N CYS B 140 -1.04 21.61 0.69
CA CYS B 140 -2.33 21.80 0.04
C CYS B 140 -2.38 23.16 -0.65
N HIS B 141 -2.77 23.12 -1.93
CA HIS B 141 -2.81 24.30 -2.79
C HIS B 141 -3.84 25.29 -2.28
N ARG B 142 -4.85 24.81 -1.56
CA ARG B 142 -5.95 25.67 -1.10
C ARG B 142 -5.73 26.21 0.30
N CYS B 143 -5.33 25.36 1.24
CA CYS B 143 -5.22 25.82 2.65
C CYS B 143 -3.80 26.00 3.16
N GLY B 144 -2.79 25.59 2.38
CA GLY B 144 -1.41 25.74 2.80
C GLY B 144 -0.86 24.81 3.88
N GLU B 145 -1.70 23.94 4.44
CA GLU B 145 -1.24 22.93 5.39
C GLU B 145 -0.50 21.80 4.70
N TYR B 146 0.45 21.22 5.43
CA TYR B 146 1.19 20.06 4.97
C TYR B 146 0.35 18.79 5.21
N ASN B 147 -0.72 18.68 4.43
CA ASN B 147 -1.70 17.64 4.66
C ASN B 147 -2.36 17.18 3.36
N ALA B 148 -1.75 17.53 2.23
CA ALA B 148 -2.33 17.14 0.94
C ALA B 148 -1.98 15.70 0.61
N THR B 149 -3.03 14.91 0.42
CA THR B 149 -2.90 13.48 0.11
C THR B 149 -3.55 13.13 -1.22
N LEU B 150 -4.18 14.11 -1.86
CA LEU B 150 -4.95 13.89 -3.10
C LEU B 150 -4.46 14.81 -4.20
N THR B 151 -4.78 14.46 -5.44
CA THR B 151 -4.52 15.33 -6.60
C THR B 151 -5.87 15.71 -7.20
N LEU B 152 -6.06 17.01 -7.48
CA LEU B 152 -7.27 17.48 -8.16
C LEU B 152 -6.92 18.05 -9.55
N LYS B 153 -7.69 17.67 -10.57
CA LYS B 153 -7.44 18.12 -11.94
C LYS B 153 -8.21 19.40 -12.22
N VAL B 154 -7.51 20.40 -12.74
CA VAL B 154 -8.09 21.73 -12.93
C VAL B 154 -8.12 22.17 -14.41
N ALA B 155 -7.63 21.33 -15.32
CA ALA B 155 -7.67 21.63 -16.78
C ALA B 155 -7.52 20.33 -17.54
N GLY B 156 -7.85 20.30 -18.83
CA GLY B 156 -7.57 19.11 -19.65
C GLY B 156 -8.59 17.97 -19.74
N GLY B 157 -9.83 18.24 -19.37
CA GLY B 157 -10.84 17.19 -19.46
C GLY B 157 -10.67 16.12 -18.41
N GLU B 158 -11.49 15.10 -18.47
CA GLU B 158 -11.62 14.18 -17.34
C GLU B 158 -10.69 12.97 -17.34
N GLU B 159 -9.92 12.79 -18.40
CA GLU B 159 -9.07 11.59 -18.52
C GLU B 159 -8.17 11.34 -17.31
N GLU B 160 -8.11 10.07 -16.91
CA GLU B 160 -7.22 9.65 -15.81
C GLU B 160 -5.81 9.31 -16.25
N ILE B 161 -5.60 9.06 -17.55
CA ILE B 161 -4.23 8.97 -18.09
C ILE B 161 -4.02 10.24 -18.92
N ASP B 162 -3.28 11.18 -18.34
CA ASP B 162 -3.16 12.56 -18.90
C ASP B 162 -1.93 13.20 -18.26
N VAL B 163 -0.82 13.11 -18.98
CA VAL B 163 0.46 13.64 -18.55
C VAL B 163 0.36 15.17 -18.44
N GLY B 164 0.94 15.71 -17.38
CA GLY B 164 0.93 17.16 -17.18
C GLY B 164 1.48 17.56 -15.84
N GLY B 165 1.53 18.87 -15.62
CA GLY B 165 2.08 19.43 -14.38
C GLY B 165 1.10 20.39 -13.77
N GLN B 166 1.62 21.53 -13.28
CA GLN B 166 0.86 22.50 -12.51
C GLN B 166 -0.21 23.23 -13.33
N GLU B 167 -0.09 23.19 -14.65
CA GLU B 167 -1.14 23.76 -15.50
C GLU B 167 -2.43 22.91 -15.45
N LYS B 168 -2.28 21.65 -15.03
CA LYS B 168 -3.35 20.65 -15.11
C LYS B 168 -3.78 20.12 -13.73
N TYR B 169 -2.85 20.06 -12.76
CA TYR B 169 -3.10 19.37 -11.49
C TYR B 169 -2.62 20.16 -10.28
N ILE B 170 -3.38 20.08 -9.20
CA ILE B 170 -2.95 20.63 -7.92
C ILE B 170 -3.02 19.56 -6.83
N ALA B 171 -2.17 19.64 -5.82
CA ALA B 171 -2.27 18.78 -4.64
C ALA B 171 -3.20 19.41 -3.61
N VAL B 172 -4.09 18.60 -3.03
CA VAL B 172 -5.05 19.08 -2.05
C VAL B 172 -5.27 18.09 -0.92
N CYS B 173 -5.66 18.62 0.23
CA CYS B 173 -6.10 17.74 1.29
C CYS B 173 -7.51 17.25 1.02
N ARG B 174 -7.96 16.24 1.75
CA ARG B 174 -9.28 15.67 1.54
C ARG B 174 -10.43 16.66 1.71
N ASP B 175 -10.36 17.47 2.75
CA ASP B 175 -11.44 18.47 2.95
C ASP B 175 -11.49 19.46 1.81
N CYS B 176 -10.33 19.98 1.40
CA CYS B 176 -10.25 20.91 0.28
C CYS B 176 -10.69 20.27 -1.06
N TYR B 177 -10.34 19.00 -1.29
CA TYR B 177 -10.81 18.30 -2.49
C TYR B 177 -12.32 18.23 -2.49
N ASN B 178 -12.90 17.87 -1.35
CA ASN B 178 -14.34 17.74 -1.28
C ASN B 178 -15.04 19.08 -1.42
N THR B 179 -14.41 20.13 -0.89
CA THR B 179 -14.96 21.51 -0.99
C THR B 179 -14.94 21.94 -2.46
N LEU B 180 -13.79 21.80 -3.12
CA LEU B 180 -13.62 22.23 -4.51
C LEU B 180 -14.50 21.46 -5.48
N LYS B 181 -14.78 20.20 -5.17
CA LYS B 181 -15.66 19.36 -5.99
C LYS B 181 -17.14 19.73 -5.88
N LYS B 182 -17.51 20.37 -4.77
CA LYS B 182 -18.90 20.83 -4.56
C LYS B 182 -19.22 22.10 -5.35
ZN ZN C . 14.09 -16.92 7.23
MG MG D . -5.36 -11.06 12.84
ZN ZN E . -6.44 21.94 2.26
MG MG F . 7.68 12.34 -10.01
C5M 4TA G . -1.76 -16.57 4.02
C5 4TA G . -3.24 -16.90 3.97
C6 4TA G . -4.03 -16.82 5.10
N1 4TA G . -5.36 -17.11 5.07
C1B 4TA G . -6.22 -17.00 6.25
C2B 4TA G . -5.59 -17.74 7.43
C3B 4TA G . -6.21 -16.96 8.57
O3B 4TA G . -7.56 -17.40 8.84
C4B 4TA G . -6.31 -15.53 8.06
C5B 4TA G . -5.13 -14.61 8.36
O5' 4TA G . -5.16 -14.34 9.78
PD 4TA G . -4.25 -13.16 10.38
O2D 4TA G . -5.05 -12.43 11.51
O1D 4TA G . -3.59 -12.24 9.12
OCD 4TA G . -3.03 -14.01 10.94
PC 4TA G . -2.59 -14.21 12.47
O1C 4TA G . -3.96 -15.05 13.14
O2C 4TA G . -1.30 -15.06 12.50
OBC 4TA G . -2.55 -12.84 13.25
PB 4TA G . -2.00 -11.33 13.17
O2B 4TA G . -3.42 -10.50 13.24
O1B 4TA G . -0.95 -10.80 12.17
OAB 4TA G . -1.25 -11.46 14.59
PA 4TA G . -1.85 -11.21 16.07
O1A 4TA G . -1.86 -9.71 16.46
O2A 4TA G . -3.35 -12.01 16.27
OA 4TA G . -0.71 -12.03 16.85
C5' 4TA G . 0.68 -11.77 16.82
C4' 4TA G . 1.23 -12.52 18.02
O1' 4TA G . 1.50 -13.89 17.72
C1' 4TA G . 2.68 -14.36 18.42
C2' 4TA G . 3.26 -13.13 19.10
O2' 4TA G . 2.85 -13.21 20.47
C3' 4TA G . 2.57 -11.94 18.44
O3' 4TA G . 2.34 -10.81 19.32
N9A 4TA G . 3.52 -15.03 17.38
C8A 4TA G . 3.37 -16.33 17.07
N7A 4TA G . 4.23 -16.70 16.05
C5A 4TA G . 4.95 -15.60 15.71
C4A 4TA G . 4.46 -14.50 16.59
N3A 4TA G . 5.01 -13.26 16.45
C2A 4TA G . 5.98 -13.05 15.50
N1A 4TA G . 6.46 -14.00 14.67
C6A 4TA G . 6.03 -15.28 14.71
N6A 4TA G . 6.52 -16.22 13.84
O4' 4TA G . -6.30 -15.63 6.63
C2 4TA G . -5.97 -17.43 3.84
O2 4TA G . -7.20 -17.67 3.80
N3 4TA G . -5.23 -17.52 2.72
C4 4TA G . -3.91 -17.27 2.71
O4 4TA G . -3.26 -17.40 1.65
C5M 4TA H . -3.30 12.76 -10.65
C5 4TA H . -2.99 12.25 -12.03
C6 4TA H . -1.74 12.54 -12.62
N1 4TA H . -1.42 12.10 -13.88
C1B 4TA H . -0.09 12.34 -14.45
C2B 4TA H . 0.39 13.77 -14.33
C3B 4TA H . 1.86 13.60 -14.28
O3B 4TA H . 2.29 13.48 -15.65
C4B 4TA H . 2.09 12.24 -13.60
C5B 4TA H . 2.39 12.32 -12.11
O5' 4TA H . 3.68 12.88 -11.94
PD 4TA H . 4.35 12.86 -10.46
O2D 4TA H . 5.85 12.51 -10.67
O1D 4TA H . 3.43 11.83 -9.42
OCD 4TA H . 4.12 14.34 -10.11
PC 4TA H . 5.15 15.39 -9.59
O1C 4TA H . 6.71 15.33 -10.37
O2C 4TA H . 4.33 16.67 -9.20
OBC 4TA H . 5.35 14.59 -8.18
PB 4TA H . 6.57 14.12 -7.25
O2B 4TA H . 7.59 13.07 -8.02
O1B 4TA H . 5.82 13.60 -6.03
OAB 4TA H . 7.33 15.45 -6.75
PA 4TA H . 8.89 15.84 -6.97
O1A 4TA H . 9.81 14.95 -6.09
O2A 4TA H . 9.30 15.76 -8.65
OA 4TA H . 8.89 17.35 -6.52
C5' 4TA H . 8.55 17.73 -5.19
C4' 4TA H . 8.99 19.18 -5.04
O1' 4TA H . 8.03 20.03 -5.68
C1' 4TA H . 7.97 21.31 -5.02
C2' 4TA H . 8.81 21.16 -3.77
O2' 4TA H . 10.11 21.73 -3.98
C3' 4TA H . 8.95 19.65 -3.59
O3' 4TA H . 10.13 19.32 -2.83
N9A 4TA H . 6.51 21.51 -4.81
C8A 4TA H . 5.71 22.06 -5.75
N7A 4TA H . 4.43 22.10 -5.32
C5A 4TA H . 4.40 21.56 -4.09
C4A 4TA H . 5.77 21.17 -3.75
N3A 4TA H . 6.02 20.58 -2.55
C2A 4TA H . 5.00 20.37 -1.66
N1A 4TA H . 3.73 20.70 -1.92
C6A 4TA H . 3.33 21.29 -3.09
N6A 4TA H . 2.06 21.63 -3.36
O4' 4TA H . 0.86 11.52 -13.72
C2 4TA H . -2.36 11.29 -14.58
O2 4TA H . -2.04 10.83 -15.71
N3 4TA H . -3.58 11.02 -14.06
C4 4TA H . -3.94 11.45 -12.83
O4 4TA H . -5.04 11.16 -12.41
#